data_6X39
#
_entry.id   6X39
#
_cell.length_a   86.110
_cell.length_b   86.110
_cell.length_c   29.344
_cell.angle_alpha   90.000
_cell.angle_beta   90.000
_cell.angle_gamma   120.000
#
_symmetry.space_group_name_H-M   'P 32 2 1'
#
loop_
_entity.id
_entity.type
_entity.pdbx_description
1 polymer 'Receptor-type tyrosine-protein phosphatase F'
2 non-polymer sorbitol
3 water water
#
_entity_poly.entity_id   1
_entity_poly.type   'polypeptide(L)'
_entity_poly.pdbx_seq_one_letter_code
;GPTSGSGPPRKVEVEPLNSTAVHVSWKLPVPNKQHGQIRGYQVTYVRLENGEPRGQPIIQDVMLAEAQETTISGLTPETT
YSITVAAYTTKGDGARSKPKVVTTTGAVP
;
_entity_poly.pdbx_strand_id   A
#
# COMPACT_ATOMS: atom_id res chain seq x y z
N SER A 4 7.88 -4.71 -13.13
CA SER A 4 8.38 -4.70 -14.50
C SER A 4 8.76 -3.27 -14.89
N GLY A 5 7.84 -2.31 -14.71
CA GLY A 5 8.15 -0.92 -15.03
C GLY A 5 9.13 -0.27 -14.09
N SER A 6 9.32 -0.85 -12.91
CA SER A 6 10.20 -0.31 -11.90
C SER A 6 10.34 -1.36 -10.80
N GLY A 7 11.34 -1.18 -9.95
CA GLY A 7 11.40 -1.95 -8.74
C GLY A 7 10.33 -1.52 -7.76
N PRO A 8 10.27 -2.17 -6.61
CA PRO A 8 9.24 -1.82 -5.63
C PRO A 8 9.52 -0.50 -4.96
N PRO A 9 8.49 0.17 -4.45
CA PRO A 9 8.73 1.22 -3.45
C PRO A 9 9.52 0.62 -2.29
N ARG A 10 10.45 1.41 -1.75
CA ARG A 10 11.35 0.93 -0.71
C ARG A 10 10.86 1.36 0.66
N LYS A 11 11.24 0.56 1.67
CA LYS A 11 11.02 0.94 3.07
C LYS A 11 9.59 1.37 3.32
N VAL A 12 8.64 0.51 2.90
CA VAL A 12 7.26 0.78 3.19
C VAL A 12 7.09 0.71 4.69
N GLU A 13 6.36 1.65 5.24
CA GLU A 13 6.05 1.67 6.66
C GLU A 13 4.56 1.88 6.87
N VAL A 14 4.05 1.28 7.94
CA VAL A 14 2.67 1.44 8.37
C VAL A 14 2.66 1.90 9.82
N GLU A 15 1.98 3.01 10.10
CA GLU A 15 1.84 3.55 11.45
C GLU A 15 0.36 3.55 11.78
N PRO A 16 -0.07 2.91 12.86
CA PRO A 16 -1.51 2.91 13.17
C PRO A 16 -1.90 4.28 13.68
N LEU A 17 -3.10 4.71 13.29
CA LEU A 17 -3.62 5.96 13.79
C LEU A 17 -4.74 5.74 14.78
N ASN A 18 -5.68 4.89 14.45
CA ASN A 18 -6.80 4.57 15.33
C ASN A 18 -7.38 3.24 14.88
N SER A 19 -8.49 2.85 15.50
CA SER A 19 -9.09 1.55 15.22
C SER A 19 -9.63 1.44 13.80
N THR A 20 -9.68 2.55 13.05
CA THR A 20 -10.21 2.52 11.69
C THR A 20 -9.25 3.04 10.65
N ALA A 21 -7.99 3.34 11.00
CA ALA A 21 -7.13 3.97 10.01
C ALA A 21 -5.65 3.75 10.32
N VAL A 22 -4.88 3.64 9.25
CA VAL A 22 -3.43 3.52 9.35
C VAL A 22 -2.79 4.43 8.31
N HIS A 23 -1.56 4.85 8.61
CA HIS A 23 -0.80 5.73 7.73
C HIS A 23 0.29 4.92 7.05
N VAL A 24 0.35 4.98 5.72
CA VAL A 24 1.31 4.22 4.93
C VAL A 24 2.27 5.19 4.26
N SER A 25 3.57 4.90 4.34
CA SER A 25 4.56 5.76 3.71
C SER A 25 5.64 4.89 3.07
N TRP A 26 6.37 5.48 2.13
CA TRP A 26 7.40 4.71 1.43
C TRP A 26 8.43 5.65 0.82
N LYS A 27 9.50 5.03 0.32
CA LYS A 27 10.55 5.73 -0.40
C LYS A 27 10.50 5.34 -1.87
N LEU A 28 11.10 6.20 -2.67
CA LEU A 28 11.12 6.06 -4.12
C LEU A 28 11.76 4.72 -4.51
N PRO A 29 11.20 4.01 -5.49
CA PRO A 29 11.92 2.83 -6.02
C PRO A 29 13.32 3.21 -6.49
N VAL A 30 14.22 2.22 -6.45
CA VAL A 30 15.59 2.44 -6.94
C VAL A 30 15.54 2.93 -8.38
N PRO A 31 16.16 4.09 -8.71
CA PRO A 31 16.17 4.58 -10.10
C PRO A 31 16.77 3.59 -11.09
N HIS A 35 13.78 1.72 -16.60
CA HIS A 35 12.49 1.83 -15.91
C HIS A 35 11.58 2.82 -16.62
N GLY A 36 10.28 2.70 -16.38
CA GLY A 36 9.36 3.72 -16.82
C GLY A 36 9.39 4.91 -15.89
N GLN A 37 8.84 6.02 -16.35
CA GLN A 37 8.68 7.18 -15.52
C GLN A 37 7.49 7.02 -14.57
N ILE A 38 7.66 7.39 -13.32
CA ILE A 38 6.65 7.18 -12.31
C ILE A 38 5.55 8.22 -12.47
N ARG A 39 4.26 7.75 -12.51
CA ARG A 39 3.11 8.63 -12.59
C ARG A 39 2.31 8.70 -11.29
N GLY A 40 2.57 7.82 -10.34
CA GLY A 40 1.84 7.76 -9.10
C GLY A 40 2.06 6.41 -8.47
N TYR A 41 1.28 6.13 -7.43
CA TYR A 41 1.40 4.89 -6.70
C TYR A 41 0.03 4.27 -6.46
N GLN A 42 0.04 2.95 -6.35
CA GLN A 42 -1.14 2.13 -6.11
C GLN A 42 -0.94 1.49 -4.74
N VAL A 43 -1.76 1.86 -3.77
CA VAL A 43 -1.73 1.23 -2.44
C VAL A 43 -2.90 0.24 -2.41
N THR A 44 -2.60 -1.04 -2.24
CA THR A 44 -3.59 -2.10 -2.25
C THR A 44 -3.66 -2.70 -0.84
N TYR A 45 -4.85 -2.84 -0.29
CA TYR A 45 -5.02 -3.52 0.98
C TYR A 45 -6.19 -4.49 0.93
N VAL A 46 -6.04 -5.57 1.68
CA VAL A 46 -7.05 -6.63 1.71
C VAL A 46 -7.13 -7.12 3.14
N ARG A 47 -8.37 -7.36 3.58
CA ARG A 47 -8.59 -7.99 4.88
C ARG A 47 -8.04 -9.42 4.83
N LEU A 48 -7.42 -9.83 5.94
CA LEU A 48 -7.04 -11.21 6.14
C LEU A 48 -7.89 -11.81 7.23
N GLU A 49 -8.22 -13.08 7.04
CA GLU A 49 -8.90 -13.86 8.06
C GLU A 49 -8.05 -15.11 8.27
N ASN A 50 -7.50 -15.24 9.47
CA ASN A 50 -6.60 -16.33 9.80
C ASN A 50 -5.51 -16.44 8.75
N GLY A 51 -5.01 -15.27 8.30
CA GLY A 51 -3.89 -15.19 7.39
C GLY A 51 -4.25 -15.28 5.94
N GLU A 52 -5.54 -15.55 5.62
CA GLU A 52 -6.00 -15.68 4.24
C GLU A 52 -6.71 -14.41 3.77
N PRO A 53 -6.43 -13.94 2.57
CA PRO A 53 -7.16 -12.75 2.10
C PRO A 53 -8.64 -13.08 1.91
N ARG A 54 -9.50 -12.12 2.28
CA ARG A 54 -10.93 -12.32 2.11
C ARG A 54 -11.54 -11.02 1.63
N GLY A 55 -12.37 -11.12 0.62
CA GLY A 55 -13.01 -9.98 -0.01
C GLY A 55 -12.13 -9.35 -1.08
N GLN A 56 -12.75 -8.52 -1.88
CA GLN A 56 -11.99 -7.84 -2.91
C GLN A 56 -10.91 -6.94 -2.30
N PRO A 57 -9.68 -6.99 -2.77
CA PRO A 57 -8.72 -5.95 -2.39
C PRO A 57 -9.25 -4.58 -2.74
N ILE A 58 -8.88 -3.61 -1.93
CA ILE A 58 -9.23 -2.22 -2.13
C ILE A 58 -7.99 -1.51 -2.63
N ILE A 59 -8.13 -0.75 -3.72
CA ILE A 59 -7.03 -0.02 -4.31
C ILE A 59 -7.25 1.47 -4.06
N GLN A 60 -6.23 2.11 -3.49
CA GLN A 60 -6.22 3.54 -3.27
C GLN A 60 -5.08 4.11 -4.08
N ASP A 61 -5.43 4.95 -5.03
CA ASP A 61 -4.44 5.50 -5.94
C ASP A 61 -3.92 6.79 -5.32
N VAL A 62 -2.61 6.96 -5.37
CA VAL A 62 -1.99 8.18 -4.92
C VAL A 62 -1.27 8.73 -6.15
N MET A 63 -1.98 9.51 -6.95
CA MET A 63 -1.55 9.83 -8.32
C MET A 63 -0.73 11.11 -8.39
N LEU A 64 0.30 11.19 -7.55
CA LEU A 64 1.36 12.19 -7.67
C LEU A 64 2.69 11.45 -7.74
N ALA A 65 3.52 11.79 -8.73
CA ALA A 65 4.82 11.14 -8.81
C ALA A 65 5.65 11.39 -7.55
N GLU A 66 5.48 12.56 -6.93
CA GLU A 66 6.25 12.88 -5.72
C GLU A 66 5.66 12.24 -4.48
N ALA A 67 4.61 11.49 -4.63
CA ALA A 67 3.90 10.96 -3.47
C ALA A 67 4.78 10.03 -2.67
N GLN A 68 4.65 10.11 -1.37
CA GLN A 68 5.34 9.10 -0.58
C GLN A 68 4.50 8.67 0.61
N GLU A 69 3.23 9.08 0.71
CA GLU A 69 2.42 8.65 1.86
C GLU A 69 0.94 8.79 1.56
N THR A 70 0.15 8.08 2.33
CA THR A 70 -1.31 8.17 2.26
C THR A 70 -1.86 7.57 3.52
N THR A 71 -3.10 7.96 3.85
CA THR A 71 -3.83 7.38 4.96
C THR A 71 -4.92 6.48 4.42
N ILE A 72 -4.99 5.29 4.94
CA ILE A 72 -6.10 4.35 4.67
C ILE A 72 -7.06 4.44 5.83
N SER A 73 -8.30 4.85 5.56
CA SER A 73 -9.31 5.03 6.58
C SER A 73 -10.54 4.17 6.25
N GLY A 74 -11.49 4.19 7.16
CA GLY A 74 -12.68 3.36 6.98
C GLY A 74 -12.46 1.90 7.26
N LEU A 75 -11.35 1.54 7.88
CA LEU A 75 -11.07 0.18 8.25
C LEU A 75 -11.97 -0.21 9.41
N THR A 76 -12.12 -1.52 9.61
CA THR A 76 -12.91 -2.00 10.73
C THR A 76 -12.00 -2.30 11.93
N PRO A 77 -12.44 -1.99 13.16
CA PRO A 77 -11.61 -2.27 14.33
C PRO A 77 -11.29 -3.75 14.50
N GLU A 78 -10.19 -4.02 15.16
CA GLU A 78 -9.78 -5.38 15.47
C GLU A 78 -9.79 -6.25 14.22
N THR A 79 -9.27 -5.71 13.12
CA THR A 79 -9.27 -6.37 11.83
C THR A 79 -7.88 -6.31 11.22
N THR A 80 -7.50 -7.41 10.58
CA THR A 80 -6.18 -7.59 10.01
C THR A 80 -6.19 -7.25 8.53
N TYR A 81 -5.17 -6.50 8.09
CA TYR A 81 -5.04 -6.04 6.70
C TYR A 81 -3.64 -6.27 6.18
N SER A 82 -3.55 -6.72 4.93
CA SER A 82 -2.29 -6.91 4.22
C SER A 82 -2.16 -5.81 3.17
N ILE A 83 -1.06 -5.04 3.24
CA ILE A 83 -0.90 -3.82 2.47
C ILE A 83 0.31 -3.93 1.54
N THR A 84 0.12 -3.55 0.28
CA THR A 84 1.25 -3.49 -0.65
C THR A 84 1.20 -2.16 -1.39
N VAL A 85 2.38 -1.75 -1.90
CA VAL A 85 2.49 -0.53 -2.69
C VAL A 85 3.25 -0.84 -3.98
N ALA A 86 2.82 -0.21 -5.07
CA ALA A 86 3.47 -0.37 -6.36
C ALA A 86 3.39 0.96 -7.07
N ALA A 87 4.42 1.26 -7.86
CA ALA A 87 4.38 2.43 -8.71
C ALA A 87 3.60 2.18 -10.00
N TYR A 88 2.90 3.21 -10.45
CA TYR A 88 2.40 3.30 -11.80
C TYR A 88 3.50 3.96 -12.63
N THR A 89 3.81 3.37 -13.79
CA THR A 89 4.85 3.95 -14.64
C THR A 89 4.42 3.96 -16.10
N THR A 90 5.17 4.74 -16.89
CA THR A 90 4.94 4.78 -18.33
C THR A 90 5.23 3.46 -19.03
N LYS A 91 5.83 2.50 -18.34
CA LYS A 91 6.05 1.17 -18.91
C LYS A 91 5.31 0.10 -18.11
N GLY A 92 4.17 0.47 -17.54
CA GLY A 92 3.36 -0.47 -16.79
C GLY A 92 3.72 -0.49 -15.33
N ASP A 93 3.00 -1.33 -14.60
CA ASP A 93 3.11 -1.31 -13.14
C ASP A 93 4.52 -1.69 -12.70
N GLY A 94 4.99 -1.03 -11.65
CA GLY A 94 6.19 -1.48 -10.98
C GLY A 94 5.92 -2.70 -10.13
N ALA A 95 7.01 -3.28 -9.65
CA ALA A 95 6.90 -4.41 -8.73
C ALA A 95 6.20 -3.97 -7.45
N ARG A 96 5.41 -4.87 -6.88
CA ARG A 96 4.78 -4.59 -5.59
C ARG A 96 5.75 -4.87 -4.44
N SER A 97 5.67 -4.04 -3.42
CA SER A 97 6.37 -4.32 -2.18
C SER A 97 5.84 -5.60 -1.56
N LYS A 98 6.68 -6.25 -0.75
CA LYS A 98 6.23 -7.39 0.04
C LYS A 98 5.16 -6.93 1.02
N PRO A 99 4.14 -7.76 1.27
CA PRO A 99 3.02 -7.32 2.11
C PRO A 99 3.50 -6.97 3.51
N LYS A 100 2.95 -5.88 4.02
CA LYS A 100 3.07 -5.48 5.42
C LYS A 100 1.70 -5.70 6.03
N VAL A 101 1.63 -6.48 7.11
CA VAL A 101 0.36 -6.87 7.69
C VAL A 101 0.22 -6.25 9.06
N VAL A 102 -0.92 -5.59 9.31
CA VAL A 102 -1.22 -4.95 10.56
C VAL A 102 -2.64 -5.29 11.00
N THR A 103 -2.90 -5.18 12.29
CA THR A 103 -4.25 -5.37 12.84
C THR A 103 -4.64 -4.13 13.61
N THR A 104 -5.80 -3.56 13.25
CA THR A 104 -6.29 -2.36 13.91
C THR A 104 -6.65 -2.66 15.38
N THR A 105 -6.57 -1.63 16.21
CA THR A 105 -6.94 -1.76 17.60
C THR A 105 -8.47 -1.83 17.73
N GLY A 106 -8.95 -2.01 18.97
CA GLY A 106 -10.36 -2.07 19.24
C GLY A 106 -11.03 -0.72 19.36
#